data_4K51
#
_entry.id   4K51
#
_cell.length_a   137.140
_cell.length_b   137.140
_cell.length_c   137.140
_cell.angle_alpha   90.00
_cell.angle_beta   90.00
_cell.angle_gamma   90.00
#
_symmetry.space_group_name_H-M   'I 21 3'
#
_entity_poly.entity_id   1
_entity_poly.type   'polypeptide(L)'
_entity_poly.pdbx_seq_one_letter_code
;GPLGSPSTLANYYENLVKVFFVSGDPLLHTTAWKKFYKLYSTNPRATEEEFKTYSSTIFLSAISTQLDEIPSIGYDPHLR
MYRLLNLDAKPTRKEMLQSIIEDESIYGKVDEELKELYDIIEVNFDVDTVKQQLENLLVKLSSKTYFSQYIAPLRDVIMR
RVFVAASQKFTTVSQSELYKLATLPAPLDLSAWDIEKSLLQAAVEDYVSITIDHESAKVTFAKD
;
_entity_poly.pdbx_strand_id   A,B
#
# COMPACT_ATOMS: atom_id res chain seq x y z
N THR A 8 -52.40 9.69 28.48
CA THR A 8 -51.12 10.31 28.77
C THR A 8 -50.97 11.65 28.06
N LEU A 9 -50.49 12.65 28.81
CA LEU A 9 -50.21 13.95 28.25
C LEU A 9 -48.92 13.92 27.43
N ALA A 10 -48.01 13.02 27.82
CA ALA A 10 -46.77 12.81 27.08
C ALA A 10 -47.00 12.39 25.63
N ASN A 11 -47.70 11.27 25.42
CA ASN A 11 -48.00 10.76 24.08
C ASN A 11 -48.76 11.73 23.18
N TYR A 12 -49.59 12.54 23.81
CA TYR A 12 -50.36 13.55 23.11
C TYR A 12 -49.44 14.69 22.64
N TYR A 13 -48.44 14.99 23.45
CA TYR A 13 -47.43 15.99 23.09
C TYR A 13 -46.46 15.44 22.04
N GLU A 14 -46.00 14.22 22.27
CA GLU A 14 -45.17 13.47 21.34
C GLU A 14 -45.79 13.47 19.94
N ASN A 15 -47.03 13.00 19.89
CA ASN A 15 -47.82 13.05 18.66
C ASN A 15 -47.85 14.46 18.07
N LEU A 16 -48.02 15.46 18.92
CA LEU A 16 -48.00 16.86 18.49
C LEU A 16 -46.66 17.30 17.87
N VAL A 17 -45.53 16.81 18.40
CA VAL A 17 -44.25 17.18 17.81
C VAL A 17 -44.12 16.58 16.42
N LYS A 18 -44.65 15.38 16.21
CA LYS A 18 -44.60 14.78 14.88
C LYS A 18 -45.44 15.59 13.89
N VAL A 19 -46.69 15.82 14.27
CA VAL A 19 -47.61 16.61 13.47
C VAL A 19 -46.98 17.91 13.03
N PHE A 20 -46.46 18.68 13.98
CA PHE A 20 -45.88 19.98 13.67
C PHE A 20 -44.61 19.90 12.84
N PHE A 21 -43.91 18.79 12.93
CA PHE A 21 -42.74 18.60 12.09
C PHE A 21 -43.14 18.41 10.64
N VAL A 22 -44.14 17.58 10.37
CA VAL A 22 -44.58 17.37 8.99
C VAL A 22 -45.35 18.57 8.43
N SER A 23 -45.91 19.41 9.29
CA SER A 23 -46.70 20.55 8.82
C SER A 23 -45.88 21.71 8.33
N GLY A 24 -44.66 21.83 8.82
CA GLY A 24 -43.81 22.95 8.46
C GLY A 24 -44.07 24.10 9.39
N ASP A 25 -44.53 23.79 10.60
CA ASP A 25 -44.66 24.81 11.63
C ASP A 25 -43.63 24.42 12.71
N PRO A 26 -42.33 24.69 12.46
CA PRO A 26 -41.24 24.25 13.32
C PRO A 26 -41.23 24.85 14.72
N LEU A 27 -41.75 26.06 14.86
CA LEU A 27 -41.82 26.73 16.15
C LEU A 27 -42.76 26.00 17.10
N LEU A 28 -43.87 25.50 16.56
CA LEU A 28 -44.82 24.69 17.32
C LEU A 28 -44.22 23.31 17.61
N HIS A 29 -43.34 22.86 16.72
CA HIS A 29 -42.62 21.60 16.88
C HIS A 29 -41.71 21.62 18.09
N THR A 30 -40.79 22.59 18.13
CA THR A 30 -39.93 22.76 19.30
C THR A 30 -40.73 23.13 20.55
N THR A 31 -41.87 23.80 20.36
CA THR A 31 -42.76 24.16 21.47
C THR A 31 -43.37 22.93 22.12
N ALA A 32 -43.99 22.08 21.30
CA ALA A 32 -44.56 20.83 21.78
C ALA A 32 -43.48 19.93 22.40
N TRP A 33 -42.27 20.04 21.87
CA TRP A 33 -41.11 19.34 22.40
C TRP A 33 -40.86 19.77 23.85
N LYS A 34 -40.89 21.08 24.08
CA LYS A 34 -40.67 21.63 25.41
C LYS A 34 -41.77 21.22 26.37
N LYS A 35 -43.01 21.21 25.89
CA LYS A 35 -44.15 20.76 26.68
C LYS A 35 -44.03 19.29 27.09
N PHE A 36 -43.46 18.47 26.20
CA PHE A 36 -43.19 17.07 26.50
C PHE A 36 -42.04 16.93 27.51
N TYR A 37 -41.04 17.80 27.37
CA TYR A 37 -39.82 17.74 28.17
C TYR A 37 -40.06 18.07 29.65
N LYS A 38 -40.90 19.07 29.89
CA LYS A 38 -41.32 19.44 31.24
C LYS A 38 -41.97 18.22 31.91
N LEU A 39 -42.90 17.58 31.20
CA LEU A 39 -43.50 16.34 31.65
C LEU A 39 -42.46 15.28 32.00
N TYR A 40 -41.57 15.02 31.06
CA TYR A 40 -40.55 13.99 31.25
C TYR A 40 -39.67 14.33 32.45
N SER A 41 -39.51 15.61 32.74
CA SER A 41 -38.71 16.06 33.87
C SER A 41 -39.46 15.86 35.20
N THR A 42 -40.78 16.02 35.17
CA THR A 42 -41.60 15.68 36.34
C THR A 42 -41.53 14.20 36.61
N ASN A 43 -41.53 13.42 35.53
CA ASN A 43 -41.46 11.97 35.62
C ASN A 43 -40.16 11.49 36.28
N PRO A 44 -40.21 10.33 36.95
CA PRO A 44 -39.01 9.78 37.59
C PRO A 44 -38.41 8.59 36.85
N ARG A 45 -38.92 8.26 35.66
CA ARG A 45 -38.31 7.21 34.83
C ARG A 45 -37.18 7.84 34.04
N ALA A 46 -36.75 9.01 34.51
CA ALA A 46 -35.76 9.81 33.83
C ALA A 46 -34.40 9.14 33.77
N THR A 47 -33.96 8.85 32.56
CA THR A 47 -32.56 8.55 32.32
C THR A 47 -31.95 9.87 31.94
N GLU A 48 -30.72 10.11 32.39
CA GLU A 48 -30.02 11.35 32.11
C GLU A 48 -29.72 11.48 30.61
N GLU A 49 -29.60 10.33 29.95
CA GLU A 49 -29.29 10.28 28.52
C GLU A 49 -30.46 10.69 27.64
N GLU A 50 -31.67 10.39 28.10
CA GLU A 50 -32.85 10.86 27.40
C GLU A 50 -32.87 12.37 27.50
N PHE A 51 -32.47 12.89 28.65
CA PHE A 51 -32.35 14.34 28.83
C PHE A 51 -31.40 14.97 27.82
N LYS A 52 -30.20 14.42 27.71
CA LYS A 52 -29.23 14.94 26.76
C LYS A 52 -29.74 14.85 25.31
N THR A 53 -30.33 13.72 24.96
CA THR A 53 -30.86 13.52 23.62
C THR A 53 -32.04 14.48 23.35
N TYR A 54 -32.98 14.57 24.28
CA TYR A 54 -34.16 15.41 24.11
C TYR A 54 -33.79 16.89 24.07
N SER A 55 -32.94 17.31 25.00
CA SER A 55 -32.51 18.70 25.09
C SER A 55 -31.72 19.10 23.84
N SER A 56 -30.77 18.26 23.42
CA SER A 56 -30.03 18.48 22.18
C SER A 56 -30.97 18.52 20.97
N THR A 57 -31.95 17.62 20.96
CA THR A 57 -32.96 17.57 19.92
C THR A 57 -33.76 18.88 19.85
N ILE A 58 -34.26 19.32 21.00
CA ILE A 58 -35.01 20.57 21.13
C ILE A 58 -34.21 21.79 20.62
N PHE A 59 -33.00 21.95 21.14
CA PHE A 59 -32.17 23.08 20.78
C PHE A 59 -31.83 23.08 19.29
N LEU A 60 -31.47 21.91 18.74
CA LEU A 60 -31.19 21.78 17.31
C LEU A 60 -32.43 22.13 16.48
N SER A 61 -33.60 21.76 16.97
CA SER A 61 -34.85 22.13 16.31
C SER A 61 -35.01 23.64 16.21
N ALA A 62 -34.61 24.34 17.28
CA ALA A 62 -34.73 25.80 17.32
C ALA A 62 -33.71 26.48 16.42
N ILE A 63 -32.48 25.96 16.39
CA ILE A 63 -31.42 26.50 15.54
C ILE A 63 -31.80 26.37 14.07
N SER A 64 -32.24 25.18 13.69
CA SER A 64 -32.60 24.89 12.31
C SER A 64 -33.98 25.40 11.91
N THR A 65 -34.55 26.28 12.72
CA THR A 65 -35.86 26.85 12.41
C THR A 65 -35.70 28.00 11.44
N GLN A 66 -36.50 27.98 10.39
CA GLN A 66 -36.52 29.00 9.36
C GLN A 66 -36.64 30.40 9.94
N LEU A 67 -36.02 31.37 9.29
CA LEU A 67 -36.10 32.75 9.73
C LEU A 67 -37.53 33.27 9.62
N ASP A 68 -37.91 34.13 10.55
CA ASP A 68 -39.29 34.59 10.66
C ASP A 68 -39.74 35.37 9.43
N GLU A 69 -40.57 34.75 8.60
CA GLU A 69 -41.27 35.52 7.59
C GLU A 69 -42.14 36.53 8.31
N ILE A 70 -42.34 37.70 7.70
CA ILE A 70 -43.30 38.64 8.25
C ILE A 70 -44.55 38.68 7.37
N PRO A 71 -45.60 37.99 7.80
CA PRO A 71 -46.86 37.83 7.08
C PRO A 71 -47.94 38.77 7.61
N TYR A 75 -54.41 36.35 7.42
CA TYR A 75 -54.79 36.12 8.82
C TYR A 75 -53.85 35.09 9.43
N ASP A 76 -54.08 34.75 10.70
CA ASP A 76 -53.28 33.75 11.39
C ASP A 76 -54.16 32.54 11.64
N PRO A 77 -53.81 31.40 11.01
CA PRO A 77 -54.55 30.14 11.16
C PRO A 77 -53.93 29.20 12.18
N HIS A 78 -52.97 29.70 12.96
CA HIS A 78 -52.33 28.91 14.01
C HIS A 78 -53.00 29.18 15.36
N LEU A 79 -54.02 30.03 15.37
CA LEU A 79 -54.65 30.51 16.60
C LEU A 79 -55.08 29.41 17.57
N ARG A 80 -55.79 28.38 17.08
CA ARG A 80 -56.22 27.29 17.98
C ARG A 80 -55.05 26.42 18.40
N MET A 81 -53.96 26.44 17.64
CA MET A 81 -52.75 25.72 18.01
C MET A 81 -52.00 26.47 19.11
N TYR A 82 -51.98 27.80 18.99
CA TYR A 82 -51.44 28.66 20.05
C TYR A 82 -52.23 28.37 21.31
N ARG A 83 -53.56 28.37 21.19
CA ARG A 83 -54.43 28.10 22.32
C ARG A 83 -54.19 26.73 22.94
N LEU A 84 -54.19 25.71 22.08
CA LEU A 84 -53.88 24.35 22.48
C LEU A 84 -52.57 24.25 23.27
N LEU A 85 -51.56 25.00 22.83
CA LEU A 85 -50.21 24.91 23.40
C LEU A 85 -49.94 25.96 24.48
N ASN A 86 -50.96 26.73 24.82
CA ASN A 86 -50.88 27.77 25.85
C ASN A 86 -49.89 28.90 25.53
N LEU A 87 -49.67 29.16 24.25
CA LEU A 87 -49.00 30.37 23.82
C LEU A 87 -50.06 31.47 23.87
N ASP A 88 -49.67 32.70 24.15
CA ASP A 88 -50.63 33.79 24.12
C ASP A 88 -50.35 34.70 22.93
N ALA A 89 -49.20 34.49 22.30
CA ALA A 89 -48.84 35.24 21.11
C ALA A 89 -48.10 34.37 20.11
N LYS A 90 -47.95 34.87 18.89
CA LYS A 90 -47.15 34.19 17.87
C LYS A 90 -45.72 34.04 18.35
N PRO A 91 -45.19 32.81 18.29
CA PRO A 91 -43.84 32.57 18.79
C PRO A 91 -42.81 33.15 17.83
N THR A 92 -41.61 33.38 18.34
CA THR A 92 -40.56 33.98 17.53
C THR A 92 -39.33 33.11 17.62
N ARG A 93 -38.64 32.96 16.50
CA ARG A 93 -37.42 32.18 16.44
C ARG A 93 -36.36 32.65 17.45
N LYS A 94 -36.09 33.94 17.48
CA LYS A 94 -35.11 34.50 18.40
C LYS A 94 -35.52 34.21 19.85
N GLU A 95 -36.80 34.34 20.15
CA GLU A 95 -37.32 34.10 21.50
C GLU A 95 -37.31 32.62 21.89
N MET A 96 -37.62 31.74 20.94
CA MET A 96 -37.57 30.29 21.19
C MET A 96 -36.15 29.91 21.59
N LEU A 97 -35.19 30.34 20.77
CA LEU A 97 -33.78 30.11 21.07
C LEU A 97 -33.36 30.65 22.42
N GLN A 98 -33.82 31.87 22.74
CA GLN A 98 -33.50 32.53 24.00
C GLN A 98 -34.12 31.78 25.19
N SER A 99 -35.38 31.36 25.04
CA SER A 99 -36.10 30.63 26.07
C SER A 99 -35.42 29.31 26.39
N ILE A 100 -34.84 28.68 25.38
CA ILE A 100 -34.09 27.44 25.56
C ILE A 100 -32.74 27.69 26.22
N ILE A 101 -32.06 28.75 25.82
CA ILE A 101 -30.75 29.10 26.36
C ILE A 101 -30.82 29.47 27.85
N GLU A 102 -31.86 30.19 28.23
CA GLU A 102 -32.04 30.62 29.62
C GLU A 102 -32.74 29.58 30.51
N ASP A 103 -33.10 28.45 29.93
CA ASP A 103 -33.71 27.36 30.68
C ASP A 103 -32.63 26.32 30.95
N GLU A 104 -32.13 26.30 32.19
CA GLU A 104 -31.01 25.46 32.55
C GLU A 104 -31.39 23.98 32.62
N SER A 105 -32.68 23.72 32.83
CA SER A 105 -33.22 22.35 32.81
C SER A 105 -33.01 21.71 31.44
N ILE A 106 -33.07 22.53 30.40
CA ILE A 106 -32.79 22.06 29.04
C ILE A 106 -31.31 22.27 28.71
N TYR A 107 -30.90 23.53 28.71
CA TYR A 107 -29.57 23.93 28.20
C TYR A 107 -28.35 23.34 28.91
N GLY A 108 -28.55 22.76 30.08
CA GLY A 108 -27.46 22.11 30.80
C GLY A 108 -27.25 20.71 30.27
N LYS A 109 -28.23 20.22 29.52
CA LYS A 109 -28.18 18.87 28.96
C LYS A 109 -27.85 18.88 27.47
N VAL A 110 -27.72 20.07 26.90
CA VAL A 110 -27.47 20.21 25.47
C VAL A 110 -26.01 19.88 25.13
N ASP A 111 -25.79 19.06 24.09
CA ASP A 111 -24.44 18.76 23.64
C ASP A 111 -23.72 20.05 23.25
N GLU A 112 -22.45 20.16 23.58
CA GLU A 112 -21.68 21.37 23.36
C GLU A 112 -21.46 21.71 21.88
N GLU A 113 -21.65 20.72 21.01
CA GLU A 113 -21.53 20.91 19.57
C GLU A 113 -22.60 21.88 19.05
N LEU A 114 -23.80 21.76 19.63
CA LEU A 114 -24.93 22.60 19.29
C LEU A 114 -24.74 24.02 19.82
N LYS A 115 -24.05 24.16 20.93
CA LYS A 115 -23.75 25.48 21.48
C LYS A 115 -22.68 26.16 20.62
N GLU A 116 -21.68 25.38 20.21
CA GLU A 116 -20.68 25.84 19.27
C GLU A 116 -21.35 26.29 17.97
N LEU A 117 -22.29 25.48 17.50
CA LEU A 117 -23.05 25.76 16.28
C LEU A 117 -23.86 27.05 16.41
N TYR A 118 -24.54 27.20 17.55
CA TYR A 118 -25.29 28.41 17.83
C TYR A 118 -24.42 29.66 17.75
N ASP A 119 -23.25 29.59 18.38
CA ASP A 119 -22.31 30.70 18.39
C ASP A 119 -21.89 31.04 16.95
N ILE A 120 -21.57 30.01 16.16
CA ILE A 120 -21.11 30.20 14.79
C ILE A 120 -22.12 30.86 13.85
N ILE A 121 -23.39 30.48 13.95
CA ILE A 121 -24.38 31.00 13.01
C ILE A 121 -25.32 32.08 13.54
N GLU A 122 -25.37 32.24 14.86
CA GLU A 122 -26.30 33.19 15.45
C GLU A 122 -25.63 34.43 16.07
N VAL A 123 -24.45 34.25 16.65
CA VAL A 123 -23.80 35.38 17.33
C VAL A 123 -22.53 35.87 16.66
N ASN A 124 -21.87 34.99 15.91
CA ASN A 124 -20.66 35.39 15.18
C ASN A 124 -20.66 34.82 13.76
N PHE A 125 -21.68 35.20 12.98
CA PHE A 125 -21.78 34.72 11.60
C PHE A 125 -20.92 35.58 10.68
N ASP A 126 -20.13 34.92 9.84
CA ASP A 126 -19.39 35.57 8.77
C ASP A 126 -19.35 34.62 7.59
N VAL A 127 -19.92 35.06 6.46
CA VAL A 127 -19.95 34.28 5.23
C VAL A 127 -18.56 33.86 4.76
N ASP A 128 -17.56 34.68 5.12
CA ASP A 128 -16.18 34.45 4.71
C ASP A 128 -15.44 33.50 5.66
N THR A 129 -16.16 32.93 6.63
CA THR A 129 -15.54 32.00 7.58
C THR A 129 -16.34 30.73 7.89
N VAL A 130 -17.60 30.67 7.47
CA VAL A 130 -18.50 29.58 7.85
C VAL A 130 -18.04 28.15 7.51
N LYS A 131 -17.55 27.92 6.29
CA LYS A 131 -17.18 26.57 5.84
C LYS A 131 -16.10 25.95 6.72
N GLN A 132 -15.08 26.74 7.03
CA GLN A 132 -13.97 26.30 7.84
C GLN A 132 -14.44 26.00 9.26
N GLN A 133 -15.34 26.83 9.78
CA GLN A 133 -15.85 26.65 11.14
C GLN A 133 -16.78 25.45 11.29
N LEU A 134 -17.75 25.35 10.37
CA LEU A 134 -18.70 24.24 10.33
C LEU A 134 -18.04 22.91 10.01
N GLU A 135 -16.90 22.97 9.34
CA GLU A 135 -16.27 21.82 8.71
C GLU A 135 -16.19 20.55 9.57
N ASN A 136 -15.40 20.59 10.63
CA ASN A 136 -15.24 19.40 11.48
C ASN A 136 -16.38 19.22 12.49
N LEU A 137 -17.02 20.34 12.83
CA LEU A 137 -18.17 20.32 13.74
C LEU A 137 -19.27 19.43 13.19
N LEU A 138 -19.57 19.58 11.91
CA LEU A 138 -20.59 18.78 11.25
C LEU A 138 -20.21 17.30 11.19
N VAL A 139 -18.91 17.02 11.16
CA VAL A 139 -18.44 15.65 11.25
C VAL A 139 -18.77 15.06 12.61
N LYS A 140 -18.57 15.85 13.66
CA LYS A 140 -18.97 15.42 14.99
C LYS A 140 -20.49 15.26 15.11
N LEU A 141 -21.22 16.21 14.57
CA LEU A 141 -22.67 16.22 14.64
C LEU A 141 -23.30 15.09 13.84
N SER A 142 -22.58 14.63 12.82
CA SER A 142 -23.04 13.52 11.98
C SER A 142 -22.92 12.18 12.69
N SER A 143 -22.46 12.21 13.94
CA SER A 143 -22.38 11.03 14.79
C SER A 143 -23.57 10.99 15.77
N LYS A 144 -24.37 12.05 15.73
CA LYS A 144 -25.53 12.16 16.59
C LYS A 144 -26.75 11.53 15.95
N THR A 145 -27.59 10.92 16.79
CA THR A 145 -28.78 10.22 16.35
C THR A 145 -29.96 11.18 16.10
N TYR A 146 -29.92 12.33 16.78
CA TYR A 146 -30.95 13.36 16.65
C TYR A 146 -30.73 14.27 15.46
N PHE A 147 -29.60 14.09 14.79
CA PHE A 147 -29.12 15.06 13.81
C PHE A 147 -29.71 14.99 12.42
N SER A 148 -29.86 13.79 11.89
CA SER A 148 -30.19 13.64 10.47
C SER A 148 -31.48 14.35 10.02
N GLN A 149 -32.49 14.36 10.89
CA GLN A 149 -33.78 14.89 10.50
C GLN A 149 -33.87 16.40 10.52
N TYR A 150 -32.81 17.04 10.99
CA TYR A 150 -32.76 18.51 11.00
C TYR A 150 -31.71 19.01 10.03
N ILE A 151 -31.06 18.07 9.35
CA ILE A 151 -30.08 18.42 8.32
C ILE A 151 -30.68 19.34 7.27
N ALA A 152 -31.83 18.96 6.71
CA ALA A 152 -32.48 19.79 5.69
C ALA A 152 -32.84 21.20 6.14
N PRO A 153 -33.56 21.35 7.26
CA PRO A 153 -33.85 22.74 7.66
C PRO A 153 -32.63 23.52 8.18
N LEU A 154 -31.66 22.86 8.79
CA LEU A 154 -30.44 23.53 9.24
C LEU A 154 -29.64 24.06 8.07
N ARG A 155 -29.46 23.23 7.05
CA ARG A 155 -28.76 23.63 5.82
C ARG A 155 -29.50 24.80 5.17
N ASP A 156 -30.83 24.78 5.25
CA ASP A 156 -31.66 25.83 4.67
C ASP A 156 -31.48 27.20 5.33
N VAL A 157 -31.31 27.20 6.65
CA VAL A 157 -31.18 28.44 7.40
C VAL A 157 -29.80 29.09 7.23
N ILE A 158 -28.75 28.27 7.20
CA ILE A 158 -27.38 28.78 7.02
C ILE A 158 -27.17 29.38 5.63
N MET A 159 -27.63 28.68 4.60
CA MET A 159 -27.58 29.24 3.26
C MET A 159 -28.41 30.50 3.12
N ARG A 160 -29.51 30.56 3.86
CA ARG A 160 -30.32 31.76 3.91
C ARG A 160 -29.46 32.90 4.48
N ARG A 161 -28.81 32.65 5.61
CA ARG A 161 -27.83 33.58 6.20
C ARG A 161 -26.78 33.99 5.18
N VAL A 162 -26.28 32.99 4.45
CA VAL A 162 -25.28 33.22 3.41
C VAL A 162 -25.82 34.18 2.34
N PHE A 163 -27.08 33.97 1.94
CA PHE A 163 -27.66 34.72 0.83
C PHE A 163 -27.95 36.20 1.13
N VAL A 164 -28.58 36.49 2.27
CA VAL A 164 -28.83 37.88 2.64
C VAL A 164 -27.52 38.63 2.91
N ALA A 165 -26.54 37.94 3.49
CA ALA A 165 -25.21 38.52 3.67
C ALA A 165 -24.62 38.83 2.31
N ALA A 166 -24.84 37.92 1.36
CA ALA A 166 -24.41 38.12 -0.03
C ALA A 166 -25.21 39.24 -0.71
N SER A 167 -26.51 39.33 -0.42
CA SER A 167 -27.36 40.38 -1.01
C SER A 167 -26.81 41.76 -0.70
N GLN A 168 -26.01 41.84 0.35
CA GLN A 168 -25.47 43.11 0.83
C GLN A 168 -24.01 43.30 0.46
N LYS A 169 -23.36 42.22 0.06
CA LYS A 169 -21.97 42.29 -0.32
C LYS A 169 -21.82 42.51 -1.83
N PHE A 170 -22.77 41.99 -2.60
CA PHE A 170 -22.65 42.02 -4.07
C PHE A 170 -23.73 42.75 -4.83
N THR A 171 -23.35 43.28 -5.99
CA THR A 171 -24.29 43.78 -6.97
C THR A 171 -24.43 42.71 -8.04
N THR A 172 -23.32 42.44 -8.73
CA THR A 172 -23.26 41.42 -9.77
C THR A 172 -22.05 40.53 -9.53
N VAL A 173 -22.30 39.23 -9.38
CA VAL A 173 -21.25 38.27 -9.05
C VAL A 173 -21.49 36.98 -9.83
N SER A 174 -20.40 36.30 -10.18
CA SER A 174 -20.50 35.04 -10.90
C SER A 174 -21.27 34.02 -10.08
N GLN A 175 -21.97 33.13 -10.75
CA GLN A 175 -22.65 32.04 -10.07
C GLN A 175 -21.60 31.12 -9.44
N SER A 176 -20.45 31.04 -10.08
CA SER A 176 -19.36 30.21 -9.58
C SER A 176 -18.91 30.68 -8.20
N GLU A 177 -18.63 31.97 -8.05
CA GLU A 177 -18.20 32.50 -6.77
C GLU A 177 -19.36 32.51 -5.76
N LEU A 178 -20.55 32.84 -6.24
CA LEU A 178 -21.73 32.86 -5.38
C LEU A 178 -22.09 31.49 -4.79
N TYR A 179 -22.17 30.49 -5.67
CA TYR A 179 -22.59 29.15 -5.26
C TYR A 179 -21.50 28.43 -4.47
N LYS A 180 -20.25 28.65 -4.87
CA LYS A 180 -19.12 28.12 -4.14
C LYS A 180 -19.14 28.68 -2.73
N LEU A 181 -19.56 29.93 -2.61
CA LEU A 181 -19.65 30.62 -1.31
C LEU A 181 -20.80 30.07 -0.50
N ALA A 182 -21.90 29.72 -1.17
CA ALA A 182 -23.11 29.21 -0.51
C ALA A 182 -23.10 27.68 -0.34
N THR A 183 -22.06 27.02 -0.87
CA THR A 183 -21.91 25.57 -0.71
C THR A 183 -21.28 25.24 0.62
N LEU A 184 -22.11 24.83 1.56
CA LEU A 184 -21.66 24.52 2.91
C LEU A 184 -20.95 23.17 2.93
N PRO A 185 -20.14 22.93 3.96
CA PRO A 185 -19.40 21.67 4.08
C PRO A 185 -20.23 20.46 4.47
N ALA A 186 -19.53 19.32 4.56
CA ALA A 186 -20.04 18.08 5.14
C ALA A 186 -21.46 17.61 4.68
N PRO A 187 -22.48 17.43 5.58
CA PRO A 187 -23.63 16.89 4.87
C PRO A 187 -24.61 17.99 4.47
N LEU A 188 -24.23 19.25 4.71
CA LEU A 188 -25.06 20.38 4.30
C LEU A 188 -24.72 20.79 2.88
N ASP A 189 -23.97 19.94 2.18
CA ASP A 189 -23.55 20.21 0.82
C ASP A 189 -24.73 20.02 -0.15
N LEU A 190 -24.91 20.98 -1.04
CA LEU A 190 -25.92 20.92 -2.09
C LEU A 190 -25.24 21.09 -3.43
N SER A 191 -25.78 20.47 -4.48
CA SER A 191 -25.26 20.69 -5.81
C SER A 191 -25.65 22.09 -6.29
N ALA A 192 -25.02 22.52 -7.38
CA ALA A 192 -25.19 23.87 -7.91
C ALA A 192 -26.64 24.22 -8.29
N TRP A 193 -27.38 23.24 -8.80
CA TRP A 193 -28.78 23.47 -9.18
C TRP A 193 -29.68 23.64 -7.95
N ASP A 194 -29.40 22.88 -6.89
CA ASP A 194 -30.11 23.05 -5.62
C ASP A 194 -29.82 24.38 -4.98
N ILE A 195 -28.56 24.81 -5.10
CA ILE A 195 -28.14 26.10 -4.59
C ILE A 195 -28.85 27.22 -5.34
N GLU A 196 -28.96 27.09 -6.65
CA GLU A 196 -29.68 28.09 -7.45
C GLU A 196 -31.18 28.09 -7.11
N LYS A 197 -31.72 26.93 -6.77
CA LYS A 197 -33.12 26.85 -6.39
C LYS A 197 -33.37 27.46 -5.03
N SER A 198 -32.50 27.12 -4.08
CA SER A 198 -32.56 27.66 -2.73
C SER A 198 -32.51 29.19 -2.79
N LEU A 199 -31.66 29.71 -3.67
CA LEU A 199 -31.59 31.16 -3.89
C LEU A 199 -32.91 31.71 -4.46
N LEU A 200 -33.46 31.06 -5.48
CA LEU A 200 -34.77 31.46 -6.03
C LEU A 200 -35.91 31.39 -5.02
N GLN A 201 -35.75 30.50 -4.06
CA GLN A 201 -36.69 30.38 -2.96
C GLN A 201 -36.59 31.60 -2.06
N ALA A 202 -35.38 31.93 -1.62
CA ALA A 202 -35.15 33.10 -0.79
C ALA A 202 -35.67 34.36 -1.49
N ALA A 203 -35.61 34.37 -2.83
CA ALA A 203 -36.17 35.44 -3.64
C ALA A 203 -37.68 35.56 -3.41
N VAL A 204 -38.42 34.49 -3.67
CA VAL A 204 -39.89 34.58 -3.52
C VAL A 204 -40.33 34.86 -2.08
N GLU A 205 -39.50 34.54 -1.10
CA GLU A 205 -39.80 34.88 0.29
C GLU A 205 -39.48 36.34 0.59
N ASP A 206 -39.07 37.07 -0.44
CA ASP A 206 -38.69 38.48 -0.33
C ASP A 206 -37.59 38.75 0.72
N TYR A 207 -36.66 37.82 0.85
CA TYR A 207 -35.46 38.02 1.67
C TYR A 207 -34.34 38.55 0.78
N VAL A 208 -34.65 38.68 -0.51
CA VAL A 208 -33.64 38.93 -1.51
C VAL A 208 -34.34 39.30 -2.82
N SER A 209 -33.70 40.16 -3.62
CA SER A 209 -34.23 40.50 -4.95
C SER A 209 -33.13 40.27 -5.98
N ILE A 210 -33.30 39.28 -6.85
CA ILE A 210 -32.23 38.92 -7.77
C ILE A 210 -32.57 38.93 -9.26
N THR A 211 -31.60 38.43 -10.04
CA THR A 211 -31.70 38.20 -11.46
C THR A 211 -30.78 37.02 -11.75
N ILE A 212 -31.30 35.93 -12.31
CA ILE A 212 -30.58 34.66 -12.23
C ILE A 212 -29.87 34.12 -13.50
N ASP A 213 -30.49 33.20 -14.24
CA ASP A 213 -29.78 32.50 -15.31
C ASP A 213 -29.54 33.40 -16.51
N HIS A 214 -28.81 34.48 -16.26
CA HIS A 214 -28.29 35.31 -17.31
C HIS A 214 -27.34 34.42 -18.09
N GLU A 215 -27.27 34.63 -19.41
CA GLU A 215 -26.39 33.87 -20.27
C GLU A 215 -24.94 34.03 -19.85
N SER A 216 -24.67 35.09 -19.09
CA SER A 216 -23.34 35.40 -18.61
C SER A 216 -22.97 34.50 -17.43
N ALA A 217 -23.90 33.63 -17.04
CA ALA A 217 -23.75 32.79 -15.85
C ALA A 217 -23.41 33.63 -14.64
N LYS A 218 -24.23 34.65 -14.39
CA LYS A 218 -24.01 35.56 -13.25
C LYS A 218 -25.32 35.83 -12.56
N VAL A 219 -25.24 36.33 -11.34
CA VAL A 219 -26.43 36.68 -10.57
C VAL A 219 -26.31 38.14 -10.19
N THR A 220 -27.42 38.87 -10.27
CA THR A 220 -27.41 40.28 -9.94
C THR A 220 -28.32 40.66 -8.80
N PHE A 221 -27.72 40.85 -7.62
CA PHE A 221 -28.43 41.32 -6.44
C PHE A 221 -28.84 42.77 -6.59
N ALA A 222 -30.11 43.00 -6.30
CA ALA A 222 -30.76 44.26 -6.57
C ALA A 222 -30.70 45.10 -5.31
N LYS A 223 -31.74 45.89 -5.10
CA LYS A 223 -31.82 46.88 -4.04
C LYS A 223 -31.62 46.34 -2.62
N THR B 8 53.82 -63.36 -14.34
CA THR B 8 52.67 -62.63 -13.83
C THR B 8 52.07 -61.71 -14.88
N LEU B 9 50.75 -61.75 -14.97
CA LEU B 9 50.01 -60.86 -15.86
C LEU B 9 50.01 -59.46 -15.26
N ALA B 10 50.09 -59.40 -13.94
CA ALA B 10 50.18 -58.14 -13.22
C ALA B 10 51.43 -57.39 -13.68
N ASN B 11 52.59 -58.01 -13.53
CA ASN B 11 53.86 -57.40 -13.94
C ASN B 11 53.90 -57.01 -15.42
N TYR B 12 53.20 -57.79 -16.24
CA TYR B 12 53.09 -57.53 -17.67
C TYR B 12 52.20 -56.32 -17.99
N TYR B 13 51.14 -56.16 -17.21
CA TYR B 13 50.23 -55.02 -17.29
C TYR B 13 50.82 -53.74 -16.69
N GLU B 14 51.41 -53.89 -15.52
CA GLU B 14 52.16 -52.84 -14.85
C GLU B 14 53.14 -52.19 -15.79
N ASN B 15 54.02 -53.02 -16.32
CA ASN B 15 54.93 -52.57 -17.34
C ASN B 15 54.21 -51.90 -18.50
N LEU B 16 53.09 -52.47 -18.91
CA LEU B 16 52.29 -51.87 -19.98
C LEU B 16 51.76 -50.46 -19.67
N VAL B 17 51.34 -50.22 -18.43
CA VAL B 17 50.86 -48.89 -18.06
C VAL B 17 51.98 -47.85 -18.07
N LYS B 18 53.18 -48.27 -17.67
CA LYS B 18 54.32 -47.36 -17.69
C LYS B 18 54.69 -46.99 -19.14
N VAL B 19 54.85 -48.01 -19.97
CA VAL B 19 55.12 -47.87 -21.40
C VAL B 19 54.16 -46.89 -22.06
N PHE B 20 52.86 -47.11 -21.86
CA PHE B 20 51.85 -46.27 -22.50
C PHE B 20 51.86 -44.84 -21.95
N PHE B 21 52.35 -44.67 -20.73
CA PHE B 21 52.51 -43.32 -20.21
C PHE B 21 53.64 -42.55 -20.89
N VAL B 22 54.80 -43.19 -21.05
CA VAL B 22 55.93 -42.52 -21.70
C VAL B 22 55.77 -42.35 -23.22
N SER B 23 54.92 -43.17 -23.84
CA SER B 23 54.73 -43.12 -25.28
C SER B 23 53.83 -41.97 -25.73
N GLY B 24 52.96 -41.51 -24.83
CA GLY B 24 52.01 -40.47 -25.17
C GLY B 24 50.74 -41.05 -25.75
N ASP B 25 50.43 -42.29 -25.36
CA ASP B 25 49.15 -42.91 -25.69
C ASP B 25 48.35 -43.14 -24.41
N PRO B 26 47.75 -42.07 -23.87
CA PRO B 26 47.08 -42.14 -22.56
C PRO B 26 45.86 -43.05 -22.56
N LEU B 27 45.18 -43.16 -23.69
CA LEU B 27 44.01 -44.02 -23.76
C LEU B 27 44.41 -45.49 -23.58
N LEU B 28 45.54 -45.87 -24.16
CA LEU B 28 46.07 -47.21 -23.95
C LEU B 28 46.61 -47.36 -22.54
N HIS B 29 47.07 -46.25 -21.98
CA HIS B 29 47.58 -46.17 -20.61
C HIS B 29 46.51 -46.48 -19.56
N THR B 30 45.42 -45.73 -19.58
CA THR B 30 44.29 -46.01 -18.68
C THR B 30 43.68 -47.37 -18.99
N THR B 31 43.80 -47.79 -20.25
CA THR B 31 43.30 -49.11 -20.65
C THR B 31 44.10 -50.21 -19.95
N ALA B 32 45.43 -50.16 -20.07
CA ALA B 32 46.29 -51.11 -19.39
C ALA B 32 46.13 -51.05 -17.87
N TRP B 33 45.86 -49.86 -17.34
CA TRP B 33 45.58 -49.71 -15.91
C TRP B 33 44.36 -50.49 -15.48
N LYS B 34 43.26 -50.38 -16.22
CA LYS B 34 42.03 -51.10 -15.89
C LYS B 34 42.20 -52.61 -16.01
N LYS B 35 42.92 -53.05 -17.05
CA LYS B 35 43.21 -54.46 -17.23
C LYS B 35 44.05 -55.00 -16.08
N PHE B 36 44.94 -54.14 -15.57
CA PHE B 36 45.76 -54.43 -14.41
C PHE B 36 44.93 -54.42 -13.12
N TYR B 37 43.97 -53.50 -13.05
CA TYR B 37 43.15 -53.29 -11.85
C TYR B 37 42.19 -54.44 -11.57
N LYS B 38 41.57 -54.97 -12.62
CA LYS B 38 40.71 -56.16 -12.49
C LYS B 38 41.47 -57.34 -11.92
N LEU B 39 42.65 -57.62 -12.47
CA LEU B 39 43.53 -58.64 -11.93
C LEU B 39 43.78 -58.37 -10.45
N TYR B 40 44.20 -57.15 -10.13
CA TYR B 40 44.49 -56.83 -8.75
C TYR B 40 43.25 -57.02 -7.87
N SER B 41 42.08 -56.82 -8.45
CA SER B 41 40.86 -57.02 -7.69
C SER B 41 40.63 -58.53 -7.54
N THR B 42 41.01 -59.29 -8.57
CA THR B 42 40.98 -60.73 -8.46
C THR B 42 42.01 -61.15 -7.42
N ASN B 43 43.18 -60.51 -7.44
CA ASN B 43 44.19 -60.87 -6.46
C ASN B 43 43.62 -60.55 -5.09
N PRO B 44 44.03 -61.32 -4.08
CA PRO B 44 43.53 -61.07 -2.73
C PRO B 44 44.56 -60.43 -1.82
N ARG B 45 45.70 -60.04 -2.36
CA ARG B 45 46.67 -59.32 -1.54
C ARG B 45 46.24 -57.85 -1.59
N ALA B 46 44.99 -57.67 -1.99
CA ALA B 46 44.35 -56.39 -2.21
C ALA B 46 44.20 -55.67 -0.89
N THR B 47 44.85 -54.52 -0.76
CA THR B 47 44.50 -53.61 0.31
C THR B 47 43.49 -52.63 -0.27
N GLU B 48 42.52 -52.25 0.57
CA GLU B 48 41.46 -51.33 0.18
C GLU B 48 42.05 -49.97 -0.13
N GLU B 49 43.19 -49.69 0.49
CA GLU B 49 43.87 -48.41 0.31
C GLU B 49 44.49 -48.40 -1.09
N GLU B 50 44.92 -49.58 -1.58
CA GLU B 50 45.38 -49.67 -2.96
C GLU B 50 44.20 -49.39 -3.90
N PHE B 51 43.01 -49.88 -3.56
CA PHE B 51 41.81 -49.58 -4.34
C PHE B 51 41.54 -48.09 -4.48
N LYS B 52 41.51 -47.37 -3.36
CA LYS B 52 41.28 -45.93 -3.45
C LYS B 52 42.37 -45.21 -4.24
N THR B 53 43.62 -45.58 -4.00
CA THR B 53 44.74 -44.97 -4.72
C THR B 53 44.77 -45.27 -6.23
N TYR B 54 44.63 -46.54 -6.59
CA TYR B 54 44.65 -46.97 -7.99
C TYR B 54 43.46 -46.44 -8.79
N SER B 55 42.27 -46.53 -8.19
CA SER B 55 41.05 -46.08 -8.84
C SER B 55 41.08 -44.58 -9.09
N SER B 56 41.47 -43.80 -8.08
CA SER B 56 41.63 -42.37 -8.27
C SER B 56 42.65 -42.11 -9.39
N THR B 57 43.74 -42.89 -9.41
CA THR B 57 44.76 -42.79 -10.47
C THR B 57 44.17 -43.07 -11.87
N ILE B 58 43.44 -44.16 -12.01
CA ILE B 58 42.79 -44.53 -13.29
C ILE B 58 41.88 -43.39 -13.73
N PHE B 59 41.01 -42.95 -12.84
CA PHE B 59 40.07 -41.88 -13.15
C PHE B 59 40.81 -40.61 -13.53
N LEU B 60 41.85 -40.28 -12.77
CA LEU B 60 42.65 -39.10 -13.09
C LEU B 60 43.33 -39.26 -14.46
N SER B 61 43.76 -40.48 -14.80
CA SER B 61 44.31 -40.75 -16.12
C SER B 61 43.26 -40.46 -17.21
N ALA B 62 42.02 -40.84 -16.91
CA ALA B 62 40.88 -40.64 -17.83
C ALA B 62 40.44 -39.19 -17.96
N ILE B 63 40.41 -38.44 -16.86
CA ILE B 63 40.04 -37.03 -16.90
C ILE B 63 41.10 -36.35 -17.76
N SER B 64 42.35 -36.66 -17.43
CA SER B 64 43.52 -36.10 -18.09
C SER B 64 43.78 -36.83 -19.41
N GLU B 104 32.15 -48.61 -12.06
CA GLU B 104 31.67 -48.32 -10.72
C GLU B 104 32.55 -49.19 -9.80
N SER B 105 33.09 -50.24 -10.43
CA SER B 105 34.05 -51.18 -9.84
C SER B 105 35.29 -50.43 -9.44
N ILE B 106 35.51 -49.41 -10.25
CA ILE B 106 36.52 -48.42 -10.16
C ILE B 106 35.94 -47.26 -9.36
N TYR B 107 34.86 -46.69 -9.89
CA TYR B 107 34.27 -45.43 -9.40
C TYR B 107 33.79 -45.40 -7.95
N GLY B 108 33.66 -46.55 -7.31
CA GLY B 108 33.27 -46.56 -5.91
C GLY B 108 34.47 -46.30 -5.01
N LYS B 109 35.66 -46.41 -5.59
CA LYS B 109 36.92 -46.21 -4.87
C LYS B 109 37.58 -44.88 -5.20
N VAL B 110 37.00 -44.11 -6.12
CA VAL B 110 37.60 -42.85 -6.56
C VAL B 110 37.45 -41.76 -5.50
N ASP B 111 38.55 -41.07 -5.20
CA ASP B 111 38.53 -39.96 -4.27
C ASP B 111 37.56 -38.91 -4.80
N GLU B 112 36.79 -38.32 -3.91
CA GLU B 112 35.73 -37.37 -4.27
C GLU B 112 36.18 -36.03 -4.86
N GLU B 113 37.46 -35.69 -4.66
CA GLU B 113 38.06 -34.49 -5.21
C GLU B 113 38.13 -34.52 -6.74
N LEU B 114 38.42 -35.69 -7.29
CA LEU B 114 38.50 -35.89 -8.74
C LEU B 114 37.10 -35.88 -9.38
N LYS B 115 36.09 -36.28 -8.62
CA LYS B 115 34.71 -36.23 -9.11
C LYS B 115 34.20 -34.80 -9.16
N GLU B 116 34.55 -34.02 -8.15
CA GLU B 116 34.27 -32.59 -8.14
C GLU B 116 34.96 -32.00 -9.36
N LEU B 117 36.20 -32.41 -9.58
CA LEU B 117 37.00 -31.96 -10.72
C LEU B 117 36.33 -32.31 -12.05
N TYR B 118 35.84 -33.54 -12.16
CA TYR B 118 35.10 -33.96 -13.35
C TYR B 118 33.92 -33.02 -13.56
N ASP B 119 33.18 -32.75 -12.48
CA ASP B 119 32.04 -31.86 -12.54
C ASP B 119 32.42 -30.44 -12.98
N ILE B 120 33.51 -29.91 -12.42
CA ILE B 120 33.91 -28.54 -12.71
C ILE B 120 34.31 -28.33 -14.19
N ILE B 121 35.04 -29.28 -14.76
CA ILE B 121 35.54 -29.12 -16.14
C ILE B 121 34.85 -29.91 -17.26
N GLU B 122 34.06 -30.91 -16.88
CA GLU B 122 33.40 -31.79 -17.85
C GLU B 122 31.89 -31.68 -18.00
N VAL B 123 31.19 -31.38 -16.91
CA VAL B 123 29.73 -31.34 -16.97
C VAL B 123 29.24 -29.91 -16.79
N ASN B 124 30.04 -29.10 -16.12
CA ASN B 124 29.70 -27.70 -15.92
C ASN B 124 30.91 -26.79 -16.15
N PHE B 125 31.47 -26.81 -17.35
CA PHE B 125 32.63 -25.96 -17.62
C PHE B 125 32.22 -24.55 -18.01
N ASP B 126 32.83 -23.56 -17.36
CA ASP B 126 32.67 -22.17 -17.76
C ASP B 126 34.02 -21.48 -17.54
N VAL B 127 34.59 -20.92 -18.60
CA VAL B 127 35.88 -20.22 -18.54
C VAL B 127 35.93 -19.05 -17.55
N ASP B 128 34.79 -18.43 -17.28
CA ASP B 128 34.74 -17.28 -16.38
C ASP B 128 34.60 -17.72 -14.92
N THR B 129 34.69 -19.03 -14.67
CA THR B 129 34.57 -19.53 -13.30
C THR B 129 35.55 -20.60 -12.81
N VAL B 130 36.34 -21.18 -13.71
CA VAL B 130 37.20 -22.34 -13.41
C VAL B 130 38.25 -22.17 -12.29
N LYS B 131 38.96 -21.04 -12.28
CA LYS B 131 40.05 -20.79 -11.35
C LYS B 131 39.58 -20.84 -9.90
N GLN B 132 38.43 -20.21 -9.66
CA GLN B 132 37.80 -20.16 -8.34
C GLN B 132 37.34 -21.53 -7.87
N GLN B 133 36.80 -22.34 -8.79
CA GLN B 133 36.30 -23.66 -8.44
C GLN B 133 37.47 -24.61 -8.14
N LEU B 134 38.45 -24.60 -9.03
CA LEU B 134 39.68 -25.38 -8.91
C LEU B 134 40.52 -24.93 -7.73
N GLU B 135 40.31 -23.68 -7.32
CA GLU B 135 41.20 -22.96 -6.40
C GLU B 135 41.66 -23.76 -5.18
N ASN B 136 40.74 -24.08 -4.29
CA ASN B 136 41.08 -24.81 -3.07
C ASN B 136 41.15 -26.33 -3.30
N LEU B 137 40.43 -26.76 -4.33
CA LEU B 137 40.41 -28.15 -4.75
C LEU B 137 41.81 -28.62 -5.07
N LEU B 138 42.54 -27.81 -5.83
CA LEU B 138 43.91 -28.14 -6.20
C LEU B 138 44.86 -28.18 -4.99
N VAL B 139 44.60 -27.41 -3.94
CA VAL B 139 45.41 -27.53 -2.73
C VAL B 139 45.19 -28.89 -2.08
N LYS B 140 43.93 -29.33 -2.01
CA LYS B 140 43.66 -30.69 -1.52
C LYS B 140 44.22 -31.76 -2.45
N LEU B 141 44.03 -31.60 -3.76
CA LEU B 141 44.50 -32.58 -4.74
C LEU B 141 46.02 -32.64 -4.82
N SER B 142 46.68 -31.56 -4.45
CA SER B 142 48.15 -31.50 -4.43
C SER B 142 48.70 -32.28 -3.22
N SER B 143 47.79 -32.89 -2.46
CA SER B 143 48.15 -33.75 -1.33
C SER B 143 48.04 -35.22 -1.73
N LYS B 144 47.56 -35.48 -2.95
CA LYS B 144 47.40 -36.84 -3.48
C LYS B 144 48.68 -37.34 -4.15
N THR B 145 48.95 -38.64 -4.02
CA THR B 145 50.17 -39.23 -4.56
C THR B 145 50.05 -39.55 -6.05
N TYR B 146 48.81 -39.72 -6.50
CA TYR B 146 48.51 -40.01 -7.89
C TYR B 146 48.44 -38.74 -8.74
N PHE B 147 48.52 -37.57 -8.10
CA PHE B 147 48.17 -36.33 -8.77
C PHE B 147 49.28 -35.75 -9.63
N SER B 148 50.52 -35.74 -9.12
CA SER B 148 51.59 -35.01 -9.77
C SER B 148 51.91 -35.39 -11.23
N GLN B 149 51.81 -36.69 -11.55
CA GLN B 149 52.20 -37.16 -12.89
C GLN B 149 51.16 -36.92 -13.95
N TYR B 150 50.00 -36.43 -13.53
CA TYR B 150 48.95 -36.11 -14.48
C TYR B 150 48.73 -34.62 -14.51
N ILE B 151 49.51 -33.88 -13.73
CA ILE B 151 49.42 -32.42 -13.77
C ILE B 151 49.61 -31.88 -15.20
N ALA B 152 50.68 -32.30 -15.85
CA ALA B 152 50.95 -31.86 -17.22
C ALA B 152 49.84 -32.23 -18.20
N PRO B 153 49.41 -33.52 -18.25
CA PRO B 153 48.31 -33.74 -19.19
C PRO B 153 46.97 -33.15 -18.72
N LEU B 154 46.72 -33.06 -17.42
CA LEU B 154 45.49 -32.45 -16.93
C LEU B 154 45.43 -30.96 -17.25
N ARG B 155 46.53 -30.25 -16.97
CA ARG B 155 46.65 -28.83 -17.29
C ARG B 155 46.52 -28.57 -18.79
N ASP B 156 47.07 -29.48 -19.60
CA ASP B 156 47.03 -29.36 -21.07
C ASP B 156 45.62 -29.44 -21.65
N VAL B 157 44.79 -30.30 -21.08
CA VAL B 157 43.43 -30.51 -21.59
C VAL B 157 42.48 -29.38 -21.20
N ILE B 158 42.60 -28.87 -19.97
CA ILE B 158 41.76 -27.77 -19.51
C ILE B 158 42.03 -26.46 -20.24
N MET B 159 43.30 -26.11 -20.41
CA MET B 159 43.67 -24.94 -21.20
C MET B 159 43.23 -25.13 -22.65
N ARG B 160 43.27 -26.37 -23.12
CA ARG B 160 42.76 -26.69 -24.45
C ARG B 160 41.27 -26.34 -24.49
N ARG B 161 40.51 -26.82 -23.51
CA ARG B 161 39.10 -26.45 -23.29
C ARG B 161 38.95 -24.93 -23.23
N VAL B 162 39.86 -24.28 -22.51
CA VAL B 162 39.87 -22.83 -22.36
C VAL B 162 40.00 -22.13 -23.71
N PHE B 163 40.89 -22.64 -24.55
CA PHE B 163 41.20 -21.99 -25.83
C PHE B 163 40.06 -22.07 -26.85
N VAL B 164 39.48 -23.25 -27.03
CA VAL B 164 38.35 -23.37 -27.94
C VAL B 164 37.13 -22.60 -27.43
N ALA B 165 36.92 -22.59 -26.11
CA ALA B 165 35.86 -21.75 -25.56
C ALA B 165 36.21 -20.30 -25.90
N ALA B 166 37.50 -19.97 -25.77
CA ALA B 166 38.02 -18.67 -26.13
C ALA B 166 38.01 -18.44 -27.66
N SER B 167 38.33 -19.47 -28.44
CA SER B 167 38.32 -19.36 -29.90
C SER B 167 36.95 -18.91 -30.39
N GLN B 168 35.94 -19.16 -29.55
CA GLN B 168 34.55 -18.89 -29.86
C GLN B 168 34.08 -17.66 -29.10
N LYS B 169 34.87 -17.24 -28.11
CA LYS B 169 34.53 -16.09 -27.28
C LYS B 169 35.14 -14.76 -27.78
N PHE B 170 36.31 -14.82 -28.40
CA PHE B 170 37.01 -13.59 -28.82
C PHE B 170 37.23 -13.61 -30.33
N THR B 171 37.30 -12.45 -30.95
CA THR B 171 37.77 -12.38 -32.33
C THR B 171 39.22 -11.93 -32.28
N THR B 172 39.45 -10.71 -31.78
CA THR B 172 40.80 -10.22 -31.63
C THR B 172 40.87 -9.65 -30.21
N VAL B 173 41.78 -10.16 -29.40
CA VAL B 173 41.84 -9.76 -28.00
C VAL B 173 43.29 -9.65 -27.51
N SER B 174 43.54 -8.72 -26.59
CA SER B 174 44.86 -8.51 -26.01
C SER B 174 45.35 -9.76 -25.29
N GLN B 175 46.67 -9.93 -25.27
CA GLN B 175 47.34 -11.02 -24.53
C GLN B 175 47.20 -10.97 -23.01
N SER B 176 47.12 -9.78 -22.43
CA SER B 176 46.99 -9.67 -20.98
C SER B 176 45.73 -10.38 -20.47
N GLU B 177 44.58 -10.05 -21.08
CA GLU B 177 43.33 -10.68 -20.69
C GLU B 177 43.27 -12.15 -21.10
N LEU B 178 43.80 -12.45 -22.29
CA LEU B 178 43.84 -13.82 -22.80
C LEU B 178 44.67 -14.76 -21.92
N TYR B 179 45.88 -14.35 -21.57
CA TYR B 179 46.80 -15.19 -20.79
C TYR B 179 46.33 -15.27 -19.34
N LYS B 180 45.79 -14.16 -18.83
CA LYS B 180 45.19 -14.18 -17.49
C LYS B 180 44.07 -15.20 -17.46
N LEU B 181 43.36 -15.32 -18.57
CA LEU B 181 42.26 -16.27 -18.69
C LEU B 181 42.79 -17.69 -18.75
N ALA B 182 43.93 -17.90 -19.42
CA ALA B 182 44.47 -19.24 -19.55
C ALA B 182 45.41 -19.63 -18.41
N THR B 183 45.69 -18.71 -17.49
CA THR B 183 46.53 -19.06 -16.33
C THR B 183 45.68 -19.72 -15.24
N LEU B 184 45.75 -21.04 -15.15
CA LEU B 184 44.96 -21.74 -14.17
C LEU B 184 45.60 -21.57 -12.78
N PRO B 185 44.81 -21.79 -11.71
CA PRO B 185 45.38 -21.59 -10.38
C PRO B 185 46.32 -22.71 -9.95
N ALA B 186 46.87 -22.57 -8.75
CA ALA B 186 47.62 -23.62 -8.06
C ALA B 186 48.70 -24.36 -8.91
N PRO B 187 48.65 -25.70 -9.11
CA PRO B 187 49.86 -26.08 -9.84
C PRO B 187 49.65 -26.18 -11.35
N LEU B 188 48.46 -25.81 -11.83
CA LEU B 188 48.24 -25.81 -13.27
C LEU B 188 48.64 -24.47 -13.85
N ASP B 189 49.36 -23.70 -13.05
CA ASP B 189 49.81 -22.38 -13.46
C ASP B 189 50.97 -22.56 -14.43
N LEU B 190 50.90 -21.82 -15.54
CA LEU B 190 51.95 -21.77 -16.55
C LEU B 190 52.33 -20.31 -16.72
N SER B 191 53.60 -20.07 -17.06
CA SER B 191 54.00 -18.72 -17.36
C SER B 191 53.42 -18.28 -18.71
N ALA B 192 53.49 -16.99 -18.98
CA ALA B 192 52.88 -16.42 -20.17
C ALA B 192 53.43 -16.99 -21.49
N TRP B 193 54.72 -17.31 -21.53
CA TRP B 193 55.31 -17.89 -22.74
C TRP B 193 54.80 -19.31 -22.94
N ASP B 194 54.65 -20.02 -21.82
CA ASP B 194 54.06 -21.36 -21.81
C ASP B 194 52.60 -21.28 -22.21
N ILE B 195 51.91 -20.23 -21.78
CA ILE B 195 50.52 -20.05 -22.17
C ILE B 195 50.45 -19.82 -23.68
N GLU B 196 51.39 -19.02 -24.18
CA GLU B 196 51.52 -18.75 -25.60
C GLU B 196 51.92 -19.97 -26.42
N LYS B 197 52.73 -20.83 -25.83
CA LYS B 197 53.17 -22.06 -26.47
C LYS B 197 52.05 -23.07 -26.52
N SER B 198 51.35 -23.22 -25.39
CA SER B 198 50.20 -24.12 -25.35
C SER B 198 49.18 -23.73 -26.39
N LEU B 199 48.93 -22.42 -26.56
CA LEU B 199 48.03 -21.98 -27.62
C LEU B 199 48.54 -22.29 -29.03
N LEU B 200 49.80 -21.96 -29.31
CA LEU B 200 50.37 -22.30 -30.62
C LEU B 200 50.38 -23.80 -30.90
N GLN B 201 50.47 -24.60 -29.85
CA GLN B 201 50.38 -26.03 -29.99
C GLN B 201 48.96 -26.40 -30.37
N ALA B 202 48.00 -25.90 -29.60
CA ALA B 202 46.58 -26.14 -29.88
C ALA B 202 46.24 -25.68 -31.29
N ALA B 203 46.95 -24.64 -31.73
CA ALA B 203 46.86 -24.12 -33.10
C ALA B 203 47.26 -25.16 -34.14
N VAL B 204 48.49 -25.68 -34.03
CA VAL B 204 48.99 -26.64 -35.01
C VAL B 204 48.20 -27.95 -35.07
N GLU B 205 47.52 -28.28 -33.97
CA GLU B 205 46.64 -29.45 -33.97
C GLU B 205 45.30 -29.14 -34.64
#